data_5EGM
#
_entry.id   5EGM
#
_cell.length_a   99.298
_cell.length_b   99.298
_cell.length_c   94.685
_cell.angle_alpha   90.00
_cell.angle_beta   90.00
_cell.angle_gamma   120.00
#
_symmetry.space_group_name_H-M   'H 3'
#
loop_
_entity.id
_entity.type
_entity.pdbx_description
1 polymer 'Coagulation factor IX'
2 polymer 'Coagulation factor IX'
3 non-polymer 'SODIUM ION'
4 non-polymer '2-[N-CYCLOHEXYLAMINO]ETHANE SULFONIC ACID'
5 non-polymer 2-chloranyl-~{N}-[(7~{S})-2-methyl-7-phenyl-10-(1~{H}-1,2,3,4-tetrazol-5-yl)-8,9-dihydro-6~{H}-pyrido[1,2-a]indol-7-yl]-4-(1,2,4-triazol-4-yl)benzamide
6 water water
#
loop_
_entity_poly.entity_id
_entity_poly.type
_entity_poly.pdbx_seq_one_letter_code
_entity_poly.pdbx_strand_id
1 'polypeptide(L)'
;VVGGEDAKPGQFPWQVVLNGKVDAFCGGSIVNEKWIVTAAHCVETGVKITVVAGEHNIEETEHTEQKRNVIRIIPHHNYN
AAINKYNHDIALLELDEPLVLNSYVTPICIADKEYTNIFLKFGSGYVSGWGRVFHKGASALVLQYLRVPLVDRATCLRST
KFTIYNNMFCAGFHEGGRDSCQGDSGGPHVTEVEGTSFLTGIISWGEECAMKGKYGIYTKVSRYVNWIKEKTKLT
;
A
2 'polypeptide(L)' MDVTCNIKNGRCEQFCKNSADNKVVCSCTEGYRLAENQKSCEPAVPFPCGRVSVSQTSKLTR B
#
# COMPACT_ATOMS: atom_id res chain seq x y z
N VAL A 1 0.87 1.87 -14.04
CA VAL A 1 0.02 3.05 -13.75
C VAL A 1 -0.13 3.82 -15.03
N VAL A 2 -1.38 4.07 -15.46
CA VAL A 2 -1.66 4.84 -16.63
C VAL A 2 -2.03 6.24 -16.11
N GLY A 3 -1.52 7.26 -16.77
CA GLY A 3 -1.87 8.64 -16.43
C GLY A 3 -1.27 9.13 -15.13
N GLY A 4 -0.19 8.50 -14.68
CA GLY A 4 0.53 8.89 -13.48
C GLY A 4 1.70 9.79 -13.82
N GLU A 5 2.58 10.00 -12.86
CA GLU A 5 3.77 10.81 -13.02
C GLU A 5 4.96 10.07 -12.47
N ASP A 6 6.16 10.44 -12.92
CA ASP A 6 7.39 9.89 -12.38
C ASP A 6 7.52 10.27 -10.90
N ALA A 7 7.77 9.29 -10.06
CA ALA A 7 8.14 9.54 -8.67
C ALA A 7 9.56 10.11 -8.67
N LYS A 8 9.88 10.87 -7.63
CA LYS A 8 11.24 11.30 -7.39
C LYS A 8 11.89 10.17 -6.59
N PRO A 9 13.22 9.98 -6.68
CA PRO A 9 13.87 9.00 -5.80
C PRO A 9 13.55 9.21 -4.32
N GLY A 10 13.18 8.12 -3.64
CA GLY A 10 12.83 8.16 -2.23
C GLY A 10 11.44 8.70 -1.94
N GLN A 11 10.60 8.97 -2.96
CA GLN A 11 9.25 9.52 -2.70
C GLN A 11 8.27 8.50 -2.13
N PHE A 12 8.47 7.20 -2.49
CA PHE A 12 7.64 6.08 -2.01
C PHE A 12 8.60 5.03 -1.48
N PRO A 13 9.26 5.32 -0.35
CA PRO A 13 10.36 4.43 0.08
C PRO A 13 9.93 3.06 0.63
N TRP A 14 8.62 2.85 0.80
CA TRP A 14 8.00 1.56 1.18
C TRP A 14 7.73 0.68 -0.02
N GLN A 15 7.77 1.24 -1.24
CA GLN A 15 7.51 0.47 -2.43
C GLN A 15 8.61 -0.56 -2.72
N VAL A 16 8.22 -1.80 -3.05
CA VAL A 16 9.13 -2.80 -3.56
C VAL A 16 8.60 -3.26 -4.92
N VAL A 17 9.47 -3.86 -5.69
CA VAL A 17 9.14 -4.53 -6.96
C VAL A 17 9.44 -6.00 -6.75
N LEU A 18 8.60 -6.88 -7.34
CA LEU A 18 8.76 -8.33 -7.40
C LEU A 18 9.19 -8.69 -8.84
N ASN A 19 10.28 -9.40 -8.94
CA ASN A 19 10.86 -9.85 -10.20
C ASN A 19 10.90 -11.38 -10.18
N GLY A 20 10.61 -11.98 -11.33
CA GLY A 20 10.63 -13.43 -11.51
C GLY A 20 11.14 -13.78 -12.89
N LYS A 21 10.34 -14.53 -13.68
CA LYS A 21 10.71 -14.87 -15.06
C LYS A 21 10.58 -13.60 -15.92
N VAL A 22 9.68 -12.68 -15.54
CA VAL A 22 9.59 -11.34 -16.13
C VAL A 22 9.79 -10.37 -14.98
N ASP A 23 10.40 -9.22 -15.26
CA ASP A 23 10.61 -8.21 -14.24
C ASP A 23 9.36 -7.47 -13.96
N ALA A 24 9.27 -6.89 -12.75
CA ALA A 24 8.15 -6.06 -12.38
C ALA A 24 6.85 -6.66 -12.72
N PHE A 25 6.67 -7.92 -12.33
CA PHE A 25 5.36 -8.57 -12.54
C PHE A 25 4.36 -8.17 -11.47
N CYS A 26 4.81 -7.65 -10.33
CA CYS A 26 3.92 -7.18 -9.26
C CYS A 26 4.71 -6.19 -8.42
N GLY A 27 3.99 -5.53 -7.52
CA GLY A 27 4.55 -4.69 -6.49
C GLY A 27 4.32 -5.26 -5.10
N GLY A 28 4.81 -4.53 -4.12
CA GLY A 28 4.70 -4.87 -2.71
C GLY A 28 5.02 -3.66 -1.87
N SER A 29 4.83 -3.75 -0.57
CA SER A 29 5.16 -2.70 0.38
C SER A 29 5.96 -3.28 1.50
N ILE A 30 6.88 -2.50 2.05
CA ILE A 30 7.68 -2.92 3.20
C ILE A 30 6.84 -2.78 4.46
N VAL A 31 6.65 -3.88 5.20
CA VAL A 31 5.99 -3.88 6.53
C VAL A 31 7.06 -3.56 7.58
N ASN A 32 8.16 -4.28 7.49
CA ASN A 32 9.33 -4.04 8.33
C ASN A 32 10.56 -4.61 7.64
N GLU A 33 11.71 -4.59 8.31
CA GLU A 33 12.97 -5.06 7.73
C GLU A 33 12.94 -6.51 7.16
N LYS A 34 12.06 -7.37 7.64
CA LYS A 34 12.04 -8.77 7.18
C LYS A 34 10.80 -9.16 6.39
N TRP A 35 9.78 -8.27 6.26
CA TRP A 35 8.49 -8.63 5.72
C TRP A 35 7.93 -7.64 4.72
N ILE A 36 7.39 -8.19 3.62
CA ILE A 36 6.73 -7.47 2.53
C ILE A 36 5.26 -7.91 2.49
N VAL A 37 4.35 -6.97 2.27
CA VAL A 37 2.96 -7.30 2.03
C VAL A 37 2.67 -7.06 0.53
N THR A 38 1.99 -8.00 -0.08
CA THR A 38 1.63 -8.01 -1.51
C THR A 38 0.25 -8.68 -1.73
N ALA A 39 -0.14 -8.87 -3.01
CA ALA A 39 -1.35 -9.58 -3.37
C ALA A 39 -1.02 -11.06 -3.45
N ALA A 40 -1.93 -11.92 -2.98
CA ALA A 40 -1.72 -13.37 -3.02
C ALA A 40 -1.63 -13.92 -4.41
N HIS A 41 -2.35 -13.34 -5.37
CA HIS A 41 -2.30 -13.85 -6.75
C HIS A 41 -0.94 -13.61 -7.41
N CYS A 42 -0.12 -12.72 -6.88
CA CYS A 42 1.22 -12.46 -7.42
C CYS A 42 2.17 -13.60 -7.10
N VAL A 43 1.92 -14.31 -6.01
CA VAL A 43 2.86 -15.29 -5.46
C VAL A 43 2.25 -16.66 -5.23
N GLU A 44 1.10 -16.98 -5.85
N GLU A 44 1.10 -17.00 -5.86
CA GLU A 44 0.40 -18.26 -5.62
CA GLU A 44 0.43 -18.29 -5.61
C GLU A 44 1.21 -19.47 -6.12
C GLU A 44 1.29 -19.45 -6.09
N THR A 45 1.69 -19.44 -7.37
CA THR A 45 2.54 -20.51 -7.93
C THR A 45 3.94 -19.99 -7.64
N GLY A 46 4.43 -20.32 -6.45
CA GLY A 46 5.73 -19.87 -5.94
C GLY A 46 6.94 -20.20 -6.80
N VAL A 47 7.25 -19.28 -7.74
CA VAL A 47 8.46 -19.33 -8.59
C VAL A 47 9.54 -18.64 -7.73
N LYS A 48 10.81 -18.60 -8.17
CA LYS A 48 11.84 -17.88 -7.41
C LYS A 48 11.55 -16.38 -7.59
N ILE A 49 11.04 -15.76 -6.53
CA ILE A 49 10.74 -14.31 -6.53
C ILE A 49 11.89 -13.55 -5.90
N THR A 50 12.30 -12.45 -6.56
CA THR A 50 13.30 -11.56 -6.00
C THR A 50 12.58 -10.26 -5.65
N VAL A 51 12.78 -9.77 -4.42
CA VAL A 51 12.24 -8.47 -3.95
C VAL A 51 13.34 -7.43 -4.09
N VAL A 52 13.03 -6.25 -4.66
CA VAL A 52 13.97 -5.15 -4.73
C VAL A 52 13.34 -3.92 -4.08
N ALA A 53 13.91 -3.48 -2.94
CA ALA A 53 13.56 -2.26 -2.22
C ALA A 53 14.54 -1.17 -2.69
N GLY A 54 14.19 0.10 -2.51
CA GLY A 54 15.05 1.21 -2.93
C GLY A 54 15.18 1.34 -4.43
N GLU A 55 14.23 0.79 -5.16
CA GLU A 55 14.26 0.79 -6.62
C GLU A 55 13.61 2.08 -7.12
N HIS A 56 14.08 2.54 -8.27
CA HIS A 56 13.55 3.76 -8.88
C HIS A 56 13.36 3.52 -10.40
N ASN A 57 14.44 3.27 -11.10
CA ASN A 57 14.48 2.99 -12.53
C ASN A 57 14.88 1.54 -12.68
N ILE A 58 13.91 0.69 -13.05
CA ILE A 58 14.16 -0.73 -13.14
C ILE A 58 15.16 -1.13 -14.27
N GLU A 59 15.57 -0.20 -15.16
CA GLU A 59 16.56 -0.53 -16.20
C GLU A 59 17.97 0.02 -15.86
N GLU A 60 18.14 0.83 -14.78
CA GLU A 60 19.43 1.40 -14.38
C GLU A 60 19.83 0.96 -12.96
N THR A 61 21.16 0.91 -12.68
CA THR A 61 21.73 0.60 -11.34
C THR A 61 21.98 1.93 -10.67
N GLU A 62 21.34 2.19 -9.52
CA GLU A 62 21.35 3.51 -8.88
C GLU A 62 21.90 3.59 -7.43
N HIS A 63 22.40 2.50 -6.87
CA HIS A 63 23.04 2.41 -5.56
C HIS A 63 22.11 2.36 -4.36
N THR A 64 20.83 2.60 -4.49
CA THR A 64 19.94 2.52 -3.34
C THR A 64 19.20 1.18 -3.33
N GLU A 65 19.32 0.37 -4.40
CA GLU A 65 18.57 -0.92 -4.45
C GLU A 65 19.11 -1.92 -3.45
N GLN A 66 18.23 -2.65 -2.79
CA GLN A 66 18.54 -3.76 -1.91
C GLN A 66 17.71 -4.93 -2.41
N LYS A 67 18.38 -5.92 -2.93
CA LYS A 67 17.77 -7.11 -3.48
C LYS A 67 17.74 -8.18 -2.37
N ARG A 68 16.60 -8.87 -2.22
CA ARG A 68 16.46 -9.95 -1.24
C ARG A 68 15.69 -11.11 -1.85
N ASN A 69 15.92 -12.32 -1.32
CA ASN A 69 15.20 -13.52 -1.73
C ASN A 69 14.06 -13.76 -0.72
N VAL A 70 13.00 -14.44 -1.16
CA VAL A 70 11.83 -14.80 -0.36
C VAL A 70 12.01 -16.20 0.19
N ILE A 71 11.97 -16.37 1.52
CA ILE A 71 12.13 -17.68 2.18
C ILE A 71 10.79 -18.28 2.59
N ARG A 72 9.76 -17.46 2.83
CA ARG A 72 8.43 -17.93 3.20
C ARG A 72 7.36 -17.05 2.61
N ILE A 73 6.28 -17.68 2.09
CA ILE A 73 5.12 -16.99 1.54
C ILE A 73 3.93 -17.37 2.42
N ILE A 74 3.19 -16.37 2.91
CA ILE A 74 1.99 -16.58 3.74
C ILE A 74 0.81 -15.94 3.08
N PRO A 75 0.04 -16.66 2.25
CA PRO A 75 -1.21 -16.07 1.77
C PRO A 75 -2.17 -15.97 2.92
N HIS A 76 -3.18 -15.10 2.82
CA HIS A 76 -4.16 -15.06 3.90
C HIS A 76 -4.81 -16.43 3.99
N HIS A 77 -5.15 -16.87 5.22
CA HIS A 77 -5.77 -18.21 5.42
C HIS A 77 -7.08 -18.41 4.63
N ASN A 78 -7.81 -17.34 4.31
CA ASN A 78 -9.04 -17.44 3.49
C ASN A 78 -8.77 -17.39 2.00
N TYR A 79 -7.51 -17.13 1.58
CA TYR A 79 -7.17 -17.15 0.17
C TYR A 79 -7.30 -18.58 -0.41
N ASN A 80 -8.01 -18.71 -1.55
CA ASN A 80 -8.15 -19.98 -2.24
C ASN A 80 -8.28 -19.70 -3.73
N ALA A 81 -7.15 -19.89 -4.47
CA ALA A 81 -7.12 -19.57 -5.90
C ALA A 81 -8.01 -20.45 -6.75
N ALA A 82 -8.31 -21.67 -6.29
CA ALA A 82 -9.23 -22.57 -7.00
C ALA A 82 -10.66 -22.01 -6.99
N ILE A 83 -11.04 -21.19 -5.97
CA ILE A 83 -12.36 -20.61 -5.90
C ILE A 83 -12.32 -19.28 -6.59
N ASN A 84 -11.45 -18.35 -6.12
CA ASN A 84 -11.31 -17.06 -6.76
C ASN A 84 -9.88 -16.54 -6.52
N LYS A 85 -9.15 -16.34 -7.60
CA LYS A 85 -7.76 -15.83 -7.57
C LYS A 85 -7.68 -14.44 -6.90
N TYR A 86 -8.76 -13.66 -6.97
CA TYR A 86 -8.75 -12.28 -6.51
C TYR A 86 -9.55 -12.00 -5.21
N ASN A 87 -9.99 -12.99 -4.44
CA ASN A 87 -10.70 -12.73 -3.17
C ASN A 87 -9.76 -12.99 -2.01
N HIS A 88 -9.75 -12.11 -0.98
CA HIS A 88 -8.80 -12.20 0.15
C HIS A 88 -7.38 -12.18 -0.43
N ASP A 89 -7.18 -11.29 -1.37
CA ASP A 89 -5.99 -11.26 -2.20
C ASP A 89 -4.87 -10.52 -1.51
N ILE A 90 -4.32 -11.15 -0.50
CA ILE A 90 -3.26 -10.55 0.28
C ILE A 90 -2.34 -11.64 0.75
N ALA A 91 -1.03 -11.33 0.76
CA ALA A 91 -0.02 -12.28 1.19
C ALA A 91 1.19 -11.54 1.76
N LEU A 92 1.92 -12.26 2.60
CA LEU A 92 3.13 -11.77 3.24
C LEU A 92 4.33 -12.57 2.74
N LEU A 93 5.44 -11.87 2.50
CA LEU A 93 6.70 -12.45 2.05
C LEU A 93 7.74 -12.23 3.13
N GLU A 94 8.37 -13.34 3.58
CA GLU A 94 9.46 -13.25 4.54
C GLU A 94 10.74 -13.20 3.74
N LEU A 95 11.60 -12.21 4.02
CA LEU A 95 12.86 -12.02 3.29
C LEU A 95 13.96 -12.88 3.90
N ASP A 96 14.97 -13.27 3.10
CA ASP A 96 16.08 -14.11 3.60
C ASP A 96 16.97 -13.36 4.60
N GLU A 97 17.28 -12.09 4.30
CA GLU A 97 18.11 -11.27 5.17
C GLU A 97 17.37 -9.95 5.38
N PRO A 98 17.42 -9.34 6.58
CA PRO A 98 16.69 -8.08 6.75
C PRO A 98 17.19 -6.97 5.85
N LEU A 99 16.26 -6.11 5.47
CA LEU A 99 16.59 -4.91 4.72
C LEU A 99 17.33 -3.98 5.68
N VAL A 100 18.09 -3.03 5.13
CA VAL A 100 18.78 -1.99 5.88
C VAL A 100 17.94 -0.74 5.66
N LEU A 101 17.21 -0.30 6.70
CA LEU A 101 16.34 0.82 6.54
C LEU A 101 17.08 2.11 6.38
N ASN A 102 16.65 2.91 5.44
CA ASN A 102 17.25 4.22 5.22
C ASN A 102 16.23 5.13 4.53
N SER A 103 16.64 6.30 4.03
CA SER A 103 15.70 7.23 3.37
C SER A 103 15.03 6.67 2.10
N TYR A 104 15.62 5.63 1.48
CA TYR A 104 15.08 5.02 0.30
C TYR A 104 14.36 3.72 0.56
N VAL A 105 14.53 3.16 1.76
CA VAL A 105 13.99 1.84 2.16
C VAL A 105 13.38 2.06 3.56
N THR A 106 12.10 2.37 3.59
CA THR A 106 11.40 2.75 4.83
C THR A 106 10.07 2.00 4.84
N PRO A 107 9.65 1.46 5.96
CA PRO A 107 8.33 0.82 6.00
C PRO A 107 7.14 1.76 5.81
N ILE A 108 6.04 1.18 5.39
CA ILE A 108 4.75 1.91 5.37
C ILE A 108 4.13 1.76 6.76
N CYS A 109 3.44 2.76 7.26
CA CYS A 109 2.76 2.63 8.56
C CYS A 109 1.48 1.82 8.38
N ILE A 110 1.13 1.03 9.39
CA ILE A 110 -0.12 0.27 9.40
C ILE A 110 -0.85 0.60 10.73
N ALA A 111 -1.98 1.27 10.63
CA ALA A 111 -2.81 1.62 11.79
C ALA A 111 -3.60 0.42 12.19
N ASP A 112 -4.39 0.56 13.27
CA ASP A 112 -5.26 -0.51 13.71
C ASP A 112 -6.43 -0.61 12.71
N LYS A 113 -7.31 -1.60 12.86
CA LYS A 113 -8.45 -1.75 11.94
C LYS A 113 -9.33 -0.48 11.88
N GLU A 114 -9.64 0.09 13.02
CA GLU A 114 -10.51 1.26 13.07
C GLU A 114 -9.91 2.44 12.34
N TYR A 115 -8.64 2.77 12.61
CA TYR A 115 -8.04 3.90 11.95
C TYR A 115 -7.72 3.63 10.52
N THR A 116 -7.42 2.36 10.17
CA THR A 116 -7.18 2.06 8.74
C THR A 116 -8.43 2.38 7.93
N ASN A 117 -9.60 2.03 8.47
CA ASN A 117 -10.88 2.29 7.83
C ASN A 117 -11.20 3.78 7.80
N ILE A 118 -10.95 4.50 8.87
CA ILE A 118 -11.11 5.99 8.84
C ILE A 118 -10.22 6.62 7.74
N PHE A 119 -8.96 6.24 7.66
CA PHE A 119 -8.04 6.76 6.65
C PHE A 119 -8.54 6.46 5.23
N LEU A 120 -9.12 5.28 5.01
CA LEU A 120 -9.68 4.99 3.68
C LEU A 120 -10.84 5.93 3.38
N LYS A 121 -11.63 6.27 4.41
CA LYS A 121 -12.77 7.18 4.29
C LYS A 121 -12.39 8.62 3.94
N PHE A 122 -11.10 9.01 4.09
CA PHE A 122 -10.62 10.33 3.65
C PHE A 122 -10.93 10.51 2.19
N GLY A 123 -10.94 9.42 1.41
CA GLY A 123 -11.41 9.43 0.02
C GLY A 123 -10.38 9.62 -1.06
N SER A 124 -9.10 9.68 -0.69
CA SER A 124 -8.03 9.89 -1.66
C SER A 124 -6.76 9.20 -1.19
N GLY A 125 -6.23 8.33 -2.05
CA GLY A 125 -5.02 7.59 -1.76
C GLY A 125 -4.04 7.66 -2.91
N TYR A 126 -2.78 7.34 -2.63
CA TYR A 126 -1.71 7.29 -3.63
C TYR A 126 -1.40 5.88 -3.95
N VAL A 127 -1.35 5.56 -5.24
CA VAL A 127 -0.95 4.23 -5.70
C VAL A 127 0.34 4.42 -6.47
N SER A 128 1.19 3.42 -6.48
CA SER A 128 2.48 3.50 -7.16
C SER A 128 2.89 2.15 -7.69
N GLY A 129 3.70 2.17 -8.75
CA GLY A 129 4.20 0.92 -9.31
C GLY A 129 4.86 1.05 -10.64
N TRP A 130 5.41 -0.10 -11.11
CA TRP A 130 6.12 -0.21 -12.41
C TRP A 130 5.25 -0.90 -13.46
N GLY A 131 3.94 -0.95 -13.23
CA GLY A 131 2.99 -1.58 -14.13
C GLY A 131 2.88 -0.87 -15.46
N ARG A 132 2.04 -1.40 -16.33
CA ARG A 132 1.89 -0.86 -17.68
C ARG A 132 1.48 0.60 -17.62
N VAL A 133 2.02 1.42 -18.52
CA VAL A 133 1.73 2.87 -18.59
C VAL A 133 0.60 3.19 -19.57
N PHE A 134 0.15 2.19 -20.34
CA PHE A 134 -1.06 2.22 -21.16
C PHE A 134 -1.67 0.80 -21.09
N HIS A 135 -2.97 0.68 -21.32
CA HIS A 135 -3.65 -0.62 -21.37
C HIS A 135 -2.96 -1.42 -22.48
N LYS A 136 -2.43 -2.59 -22.14
CA LYS A 136 -1.68 -3.48 -23.05
C LYS A 136 -0.41 -2.84 -23.60
N GLY A 137 0.11 -1.83 -22.90
CA GLY A 137 1.29 -1.11 -23.29
C GLY A 137 2.48 -1.55 -22.48
N ALA A 138 3.61 -0.87 -22.67
CA ALA A 138 4.86 -1.18 -21.96
C ALA A 138 4.80 -0.89 -20.49
N SER A 139 5.65 -1.62 -19.74
CA SER A 139 5.85 -1.39 -18.31
C SER A 139 6.63 -0.07 -18.17
N ALA A 140 6.52 0.53 -17.02
CA ALA A 140 7.24 1.78 -16.72
C ALA A 140 8.69 1.46 -16.46
N LEU A 141 9.60 2.43 -16.69
CA LEU A 141 10.99 2.30 -16.32
C LEU A 141 11.14 2.96 -14.97
N VAL A 142 10.70 4.23 -14.85
CA VAL A 142 10.75 4.98 -13.60
C VAL A 142 9.42 4.72 -12.86
N LEU A 143 9.50 4.53 -11.55
CA LEU A 143 8.36 4.32 -10.69
C LEU A 143 7.32 5.39 -10.96
N GLN A 144 6.06 4.98 -11.10
CA GLN A 144 4.95 5.89 -11.37
C GLN A 144 4.07 6.00 -10.15
N TYR A 145 3.43 7.17 -9.98
CA TYR A 145 2.47 7.36 -8.93
C TYR A 145 1.25 8.13 -9.40
N LEU A 146 0.18 7.91 -8.68
CA LEU A 146 -1.08 8.54 -8.97
C LEU A 146 -1.97 8.63 -7.73
N ARG A 147 -2.64 9.79 -7.55
N ARG A 147 -2.65 9.78 -7.55
CA ARG A 147 -3.62 9.99 -6.49
CA ARG A 147 -3.62 9.99 -6.49
C ARG A 147 -4.96 9.51 -7.09
C ARG A 147 -4.96 9.53 -7.08
N VAL A 148 -5.65 8.60 -6.40
CA VAL A 148 -6.91 8.05 -6.85
C VAL A 148 -8.02 8.29 -5.83
N PRO A 149 -9.18 8.78 -6.28
CA PRO A 149 -10.29 8.99 -5.36
C PRO A 149 -11.12 7.72 -5.20
N LEU A 150 -11.66 7.56 -4.02
CA LEU A 150 -12.52 6.46 -3.67
C LEU A 150 -13.80 6.56 -4.47
N VAL A 151 -14.26 5.44 -5.01
CA VAL A 151 -15.47 5.39 -5.80
C VAL A 151 -16.53 4.64 -5.01
N ASP A 152 -17.73 5.17 -4.97
CA ASP A 152 -18.84 4.58 -4.22
C ASP A 152 -19.18 3.17 -4.73
N ARG A 153 -19.56 2.29 -3.81
CA ARG A 153 -19.88 0.90 -4.05
C ARG A 153 -20.83 0.63 -5.21
N ALA A 154 -21.95 1.36 -5.29
CA ALA A 154 -22.93 1.09 -6.34
C ALA A 154 -22.36 1.33 -7.75
N THR A 155 -21.61 2.44 -7.90
CA THR A 155 -20.94 2.80 -9.15
C THR A 155 -19.96 1.71 -9.52
N CYS A 156 -19.19 1.25 -8.55
N CYS A 156 -19.17 1.23 -8.52
CA CYS A 156 -18.20 0.19 -8.70
CA CYS A 156 -18.21 0.11 -8.59
C CYS A 156 -18.84 -1.13 -9.21
C CYS A 156 -18.87 -1.10 -9.24
N LEU A 157 -19.95 -1.55 -8.60
CA LEU A 157 -20.68 -2.74 -9.02
C LEU A 157 -21.22 -2.63 -10.45
N ARG A 158 -21.74 -1.45 -10.82
CA ARG A 158 -22.27 -1.23 -12.19
C ARG A 158 -21.16 -1.27 -13.26
N SER A 159 -19.92 -0.95 -12.88
CA SER A 159 -18.78 -0.88 -13.79
C SER A 159 -18.24 -2.19 -14.30
N THR A 160 -18.56 -3.33 -13.64
CA THR A 160 -17.97 -4.60 -14.00
C THR A 160 -18.95 -5.72 -13.85
N LYS A 161 -18.82 -6.76 -14.70
CA LYS A 161 -19.66 -7.96 -14.62
C LYS A 161 -19.20 -8.88 -13.47
N PHE A 162 -17.95 -8.72 -12.95
CA PHE A 162 -17.44 -9.56 -11.87
C PHE A 162 -17.88 -9.06 -10.50
N THR A 163 -17.96 -9.97 -9.53
CA THR A 163 -18.40 -9.63 -8.17
C THR A 163 -17.32 -8.86 -7.39
N ILE A 164 -17.76 -7.88 -6.60
CA ILE A 164 -16.87 -7.08 -5.72
C ILE A 164 -17.41 -7.34 -4.30
N TYR A 165 -16.62 -7.95 -3.43
CA TYR A 165 -17.03 -8.17 -2.04
C TYR A 165 -16.66 -6.99 -1.13
N ASN A 166 -17.22 -6.98 0.10
CA ASN A 166 -17.04 -5.86 1.05
C ASN A 166 -15.63 -5.71 1.58
N ASN A 167 -14.74 -6.69 1.37
CA ASN A 167 -13.32 -6.58 1.72
C ASN A 167 -12.48 -6.01 0.58
N MET A 168 -13.15 -5.45 -0.44
CA MET A 168 -12.53 -4.76 -1.55
C MET A 168 -13.19 -3.41 -1.77
N PHE A 169 -12.48 -2.50 -2.45
CA PHE A 169 -13.00 -1.18 -2.81
C PHE A 169 -12.53 -0.81 -4.19
N CYS A 170 -13.22 0.18 -4.80
N CYS A 170 -13.11 0.22 -4.77
CA CYS A 170 -12.96 0.76 -6.14
CA CYS A 170 -12.64 0.67 -6.07
C CYS A 170 -12.32 2.14 -5.93
C CYS A 170 -12.36 2.15 -6.00
N ALA A 171 -11.45 2.56 -6.85
CA ALA A 171 -10.90 3.90 -6.85
C ALA A 171 -10.55 4.22 -8.30
N GLY A 172 -10.70 5.47 -8.68
CA GLY A 172 -10.41 5.92 -10.03
C GLY A 172 -11.23 7.11 -10.41
N PHE A 173 -11.25 7.40 -11.71
CA PHE A 173 -11.87 8.59 -12.24
C PHE A 173 -12.95 8.21 -13.22
N HIS A 174 -14.08 8.88 -13.16
CA HIS A 174 -15.22 8.60 -14.03
C HIS A 174 -14.85 8.82 -15.52
N GLU A 175 -13.94 9.77 -15.79
CA GLU A 175 -13.51 10.09 -17.16
C GLU A 175 -12.46 9.14 -17.79
N GLY A 176 -11.90 8.19 -17.06
CA GLY A 176 -10.84 7.34 -17.62
C GLY A 176 -9.50 8.08 -17.64
N GLY A 177 -8.51 7.50 -18.32
CA GLY A 177 -7.17 8.08 -18.48
C GLY A 177 -6.20 7.97 -17.32
N ARG A 178 -6.66 7.60 -16.11
CA ARG A 178 -5.81 7.48 -14.94
C ARG A 178 -6.18 6.26 -14.11
N ASP A 179 -5.27 5.29 -14.00
CA ASP A 179 -5.56 4.12 -13.16
C ASP A 179 -4.36 3.22 -12.97
N SER A 180 -4.50 2.24 -12.08
N SER A 180 -4.51 2.24 -12.07
CA SER A 180 -3.50 1.20 -11.90
CA SER A 180 -3.52 1.19 -11.89
C SER A 180 -3.64 0.27 -13.11
C SER A 180 -3.66 0.25 -13.09
N CYS A 181 -2.62 -0.53 -13.36
CA CYS A 181 -2.66 -1.46 -14.48
C CYS A 181 -1.81 -2.68 -14.18
N GLN A 182 -1.82 -3.64 -15.08
CA GLN A 182 -1.10 -4.91 -14.90
C GLN A 182 0.36 -4.64 -14.58
N GLY A 183 0.89 -5.36 -13.60
CA GLY A 183 2.23 -5.13 -13.08
C GLY A 183 2.25 -4.29 -11.81
N ASP A 184 1.20 -3.51 -11.58
CA ASP A 184 1.05 -2.75 -10.33
C ASP A 184 0.46 -3.57 -9.19
N SER A 185 -0.24 -4.69 -9.49
CA SER A 185 -0.86 -5.53 -8.47
C SER A 185 0.10 -5.86 -7.38
N GLY A 186 -0.40 -5.83 -6.16
CA GLY A 186 0.40 -6.12 -4.97
C GLY A 186 1.02 -4.90 -4.34
N GLY A 187 1.07 -3.79 -5.08
CA GLY A 187 1.59 -2.56 -4.59
C GLY A 187 0.66 -1.88 -3.64
N PRO A 188 1.16 -0.78 -3.08
CA PRO A 188 0.42 -0.03 -2.05
C PRO A 188 -0.60 0.99 -2.55
N HIS A 189 -1.74 1.12 -1.82
CA HIS A 189 -2.67 2.22 -1.88
C HIS A 189 -2.49 2.83 -0.47
N VAL A 190 -1.96 4.04 -0.38
CA VAL A 190 -1.65 4.68 0.90
C VAL A 190 -2.35 6.00 1.03
N THR A 191 -2.68 6.35 2.26
CA THR A 191 -3.33 7.60 2.62
C THR A 191 -2.35 8.40 3.46
N GLU A 192 -2.12 9.65 3.06
CA GLU A 192 -1.23 10.55 3.80
C GLU A 192 -2.01 11.26 4.90
N VAL A 193 -1.48 11.17 6.12
CA VAL A 193 -2.11 11.71 7.32
C VAL A 193 -1.10 12.66 7.94
N GLU A 194 -1.28 13.96 7.73
CA GLU A 194 -0.36 14.97 8.24
C GLU A 194 1.12 14.64 7.95
N GLY A 195 1.41 14.23 6.72
CA GLY A 195 2.78 13.90 6.33
C GLY A 195 3.29 12.49 6.63
N THR A 196 2.45 11.62 7.17
CA THR A 196 2.81 10.23 7.44
C THR A 196 1.87 9.36 6.63
N SER A 197 2.41 8.45 5.84
CA SER A 197 1.61 7.57 5.01
C SER A 197 1.25 6.29 5.72
N PHE A 198 -0.01 5.87 5.58
CA PHE A 198 -0.56 4.63 6.13
C PHE A 198 -1.09 3.76 5.00
N LEU A 199 -0.89 2.46 5.12
CA LEU A 199 -1.37 1.51 4.11
C LEU A 199 -2.86 1.35 4.25
N THR A 200 -3.62 1.70 3.20
CA THR A 200 -5.10 1.60 3.23
C THR A 200 -5.64 0.55 2.25
N GLY A 201 -4.84 0.16 1.28
CA GLY A 201 -5.24 -0.87 0.33
C GLY A 201 -4.08 -1.56 -0.30
N ILE A 202 -4.38 -2.66 -0.96
CA ILE A 202 -3.43 -3.42 -1.79
C ILE A 202 -4.01 -3.31 -3.21
N ILE A 203 -3.20 -2.94 -4.19
CA ILE A 203 -3.63 -2.88 -5.60
C ILE A 203 -3.95 -4.33 -5.99
N SER A 204 -5.21 -4.65 -6.43
CA SER A 204 -5.57 -6.02 -6.70
C SER A 204 -5.72 -6.34 -8.20
N TRP A 205 -6.72 -5.76 -8.86
CA TRP A 205 -6.96 -6.06 -10.26
C TRP A 205 -7.75 -5.01 -10.97
N GLY A 206 -7.84 -5.19 -12.27
CA GLY A 206 -8.59 -4.30 -13.13
C GLY A 206 -8.85 -4.94 -14.47
N GLU A 207 -9.61 -4.27 -15.31
CA GLU A 207 -9.91 -4.80 -16.64
C GLU A 207 -9.22 -3.90 -17.65
N GLU A 208 -9.95 -3.16 -18.52
CA GLU A 208 -9.28 -2.30 -19.50
C GLU A 208 -8.74 -1.08 -18.78
N CYS A 209 -7.44 -1.09 -18.44
CA CYS A 209 -6.86 -0.02 -17.62
C CYS A 209 -7.20 1.34 -18.12
N ALA A 210 -7.75 2.17 -17.26
CA ALA A 210 -8.02 3.58 -17.57
C ALA A 210 -9.05 3.83 -18.65
N MET A 211 -9.85 2.82 -19.00
CA MET A 211 -10.93 3.04 -19.96
C MET A 211 -12.05 3.79 -19.19
N LYS A 212 -12.74 4.72 -19.86
CA LYS A 212 -13.85 5.45 -19.23
C LYS A 212 -14.91 4.46 -18.75
N GLY A 213 -15.33 4.60 -17.52
CA GLY A 213 -16.35 3.74 -16.92
C GLY A 213 -15.81 2.53 -16.18
N LYS A 214 -14.48 2.33 -16.19
CA LYS A 214 -13.82 1.22 -15.49
C LYS A 214 -13.02 1.80 -14.31
N TYR A 215 -12.83 0.99 -13.26
CA TYR A 215 -12.09 1.38 -12.06
C TYR A 215 -11.19 0.29 -11.59
N GLY A 216 -10.12 0.67 -10.90
CA GLY A 216 -9.19 -0.26 -10.30
C GLY A 216 -9.82 -0.83 -9.05
N ILE A 217 -9.60 -2.14 -8.81
CA ILE A 217 -10.14 -2.85 -7.66
C ILE A 217 -8.98 -3.11 -6.67
N TYR A 218 -9.26 -2.83 -5.38
CA TYR A 218 -8.29 -2.89 -4.31
C TYR A 218 -8.74 -3.73 -3.14
N THR A 219 -7.79 -4.35 -2.43
CA THR A 219 -8.10 -5.09 -1.20
C THR A 219 -8.13 -4.06 -0.05
N LYS A 220 -9.17 -4.07 0.77
CA LYS A 220 -9.27 -3.19 1.95
C LYS A 220 -8.33 -3.76 3.02
N VAL A 221 -7.26 -3.07 3.34
CA VAL A 221 -6.28 -3.54 4.32
C VAL A 221 -6.83 -3.60 5.75
N SER A 222 -7.82 -2.75 6.09
CA SER A 222 -8.41 -2.72 7.44
C SER A 222 -8.83 -4.14 7.93
N ARG A 223 -9.41 -4.94 7.01
CA ARG A 223 -9.86 -6.33 7.26
C ARG A 223 -8.71 -7.28 7.70
N TYR A 224 -7.45 -6.99 7.33
CA TYR A 224 -6.28 -7.84 7.54
C TYR A 224 -5.18 -7.30 8.45
N VAL A 225 -5.36 -6.09 9.00
CA VAL A 225 -4.35 -5.48 9.86
C VAL A 225 -3.88 -6.38 11.01
N ASN A 226 -4.80 -6.96 11.78
CA ASN A 226 -4.45 -7.78 12.94
C ASN A 226 -3.61 -8.98 12.51
N TRP A 227 -4.00 -9.62 11.41
CA TRP A 227 -3.25 -10.73 10.80
C TRP A 227 -1.85 -10.25 10.35
N ILE A 228 -1.74 -9.10 9.67
CA ILE A 228 -0.43 -8.60 9.28
C ILE A 228 0.45 -8.35 10.50
N LYS A 229 -0.07 -7.65 11.51
N LYS A 229 -0.09 -7.67 11.50
CA LYS A 229 0.72 -7.30 12.69
CA LYS A 229 0.65 -7.32 12.72
C LYS A 229 1.20 -8.57 13.44
C LYS A 229 1.19 -8.56 13.42
N GLU A 230 0.34 -9.57 13.57
CA GLU A 230 0.70 -10.82 14.24
C GLU A 230 1.75 -11.60 13.51
N LYS A 231 1.57 -11.76 12.17
CA LYS A 231 2.49 -12.57 11.38
C LYS A 231 3.87 -11.95 11.16
N THR A 232 3.95 -10.60 11.07
CA THR A 232 5.19 -9.87 10.80
C THR A 232 5.93 -9.36 12.06
N LYS A 233 5.34 -9.52 13.26
CA LYS A 233 5.93 -9.01 14.51
C LYS A 233 7.35 -9.55 14.69
N LEU A 234 8.32 -8.65 14.96
CA LEU A 234 9.71 -9.01 15.21
C LEU A 234 10.01 -9.00 16.72
N THR A 235 9.29 -8.18 17.50
CA THR A 235 9.43 -7.96 18.94
C THR A 235 10.72 -7.19 19.22
N VAL B 3 -14.39 18.99 23.05
CA VAL B 3 -13.15 18.31 22.65
C VAL B 3 -13.38 16.80 22.67
N THR B 4 -13.52 16.20 21.47
CA THR B 4 -13.79 14.77 21.31
C THR B 4 -13.03 14.30 20.13
N CYS B 5 -12.85 12.99 20.00
CA CYS B 5 -12.19 12.41 18.83
C CYS B 5 -13.00 12.55 17.56
N ASN B 6 -14.31 12.81 17.64
CA ASN B 6 -15.14 12.98 16.44
C ASN B 6 -14.91 14.31 15.78
N ILE B 7 -14.41 15.30 16.52
CA ILE B 7 -14.21 16.64 15.94
C ILE B 7 -12.72 16.86 15.65
N LYS B 8 -12.33 16.94 14.36
CA LYS B 8 -10.94 17.13 13.92
C LYS B 8 -9.98 16.15 14.63
N ASN B 9 -10.42 14.92 14.85
CA ASN B 9 -9.61 13.87 15.47
C ASN B 9 -9.07 14.27 16.85
N GLY B 10 -9.83 15.10 17.58
CA GLY B 10 -9.40 15.62 18.88
C GLY B 10 -8.13 16.48 18.82
N ARG B 11 -7.80 16.99 17.63
CA ARG B 11 -6.56 17.71 17.27
C ARG B 11 -5.33 16.80 17.33
N CYS B 12 -5.53 15.47 17.43
CA CYS B 12 -4.44 14.50 17.44
C CYS B 12 -3.90 14.36 16.01
N GLU B 13 -2.57 14.36 15.85
CA GLU B 13 -1.98 14.20 14.52
C GLU B 13 -2.27 12.82 13.90
N GLN B 14 -2.23 11.75 14.70
CA GLN B 14 -2.48 10.41 14.23
C GLN B 14 -3.73 9.80 14.85
N PHE B 15 -3.63 9.28 16.09
CA PHE B 15 -4.74 8.58 16.68
C PHE B 15 -5.29 9.30 17.89
N CYS B 16 -6.58 9.09 18.16
CA CYS B 16 -7.28 9.73 19.25
C CYS B 16 -8.11 8.70 20.03
N LYS B 17 -8.14 8.88 21.32
CA LYS B 17 -8.93 8.08 22.26
C LYS B 17 -9.69 9.04 23.19
N ASN B 18 -10.95 8.87 23.36
CA ASN B 18 -11.74 9.73 24.30
C ASN B 18 -11.38 9.32 25.72
N SER B 19 -11.17 10.30 26.62
CA SER B 19 -10.78 9.99 28.01
C SER B 19 -11.65 10.78 28.97
N ALA B 20 -11.41 10.64 30.27
CA ALA B 20 -12.22 11.27 31.32
C ALA B 20 -12.28 12.78 31.29
N ASP B 21 -13.38 13.33 31.83
CA ASP B 21 -13.62 14.77 31.96
C ASP B 21 -13.55 15.54 30.64
N ASN B 22 -14.17 14.99 29.58
CA ASN B 22 -14.25 15.62 28.24
C ASN B 22 -12.88 15.93 27.63
N LYS B 23 -11.93 15.02 27.84
CA LYS B 23 -10.59 15.17 27.30
C LYS B 23 -10.32 14.03 26.33
N VAL B 24 -9.26 14.14 25.59
CA VAL B 24 -8.84 13.07 24.68
C VAL B 24 -7.41 12.71 25.03
N VAL B 25 -6.97 11.53 24.59
CA VAL B 25 -5.59 11.09 24.73
C VAL B 25 -5.17 10.77 23.31
N CYS B 26 -4.16 11.46 22.80
CA CYS B 26 -3.64 11.20 21.48
C CYS B 26 -2.61 10.12 21.58
N SER B 27 -2.32 9.52 20.44
CA SER B 27 -1.28 8.51 20.32
C SER B 27 -0.77 8.43 18.88
N CYS B 28 0.31 7.66 18.72
CA CYS B 28 1.02 7.57 17.45
C CYS B 28 1.29 6.12 17.10
N THR B 29 1.67 5.89 15.84
CA THR B 29 2.03 4.56 15.41
C THR B 29 3.42 4.20 15.95
N GLU B 30 3.82 2.96 15.74
CA GLU B 30 5.15 2.46 16.13
C GLU B 30 6.27 3.33 15.53
N GLY B 31 7.30 3.63 16.32
CA GLY B 31 8.43 4.45 15.88
C GLY B 31 8.30 5.95 16.08
N TYR B 32 7.15 6.38 16.58
CA TYR B 32 6.85 7.77 16.88
C TYR B 32 6.59 7.89 18.39
N ARG B 33 6.78 9.08 18.92
CA ARG B 33 6.52 9.42 20.33
C ARG B 33 5.49 10.56 20.31
N LEU B 34 4.55 10.57 21.26
CA LEU B 34 3.64 11.68 21.40
C LEU B 34 4.47 12.86 21.94
N ALA B 35 4.33 14.00 21.28
CA ALA B 35 5.09 15.19 21.58
C ALA B 35 4.58 15.91 22.83
N GLU B 36 5.39 16.85 23.32
CA GLU B 36 5.10 17.66 24.52
C GLU B 36 3.83 18.49 24.38
N ASN B 37 3.45 18.87 23.15
CA ASN B 37 2.20 19.60 22.92
C ASN B 37 0.97 18.67 23.08
N GLN B 38 1.19 17.35 23.30
CA GLN B 38 0.14 16.34 23.56
C GLN B 38 -0.67 15.94 22.36
N LYS B 39 -0.33 16.45 21.17
CA LYS B 39 -1.06 16.22 19.92
C LYS B 39 -0.21 15.63 18.80
N SER B 40 1.01 16.14 18.64
CA SER B 40 1.87 15.78 17.52
C SER B 40 2.62 14.49 17.74
N CYS B 41 3.09 13.94 16.67
CA CYS B 41 3.86 12.69 16.65
C CYS B 41 5.24 12.97 16.16
N GLU B 42 6.24 12.70 16.98
CA GLU B 42 7.63 12.94 16.61
C GLU B 42 8.36 11.62 16.38
N PRO B 43 9.29 11.56 15.42
CA PRO B 43 10.09 10.33 15.24
C PRO B 43 10.90 9.95 16.48
N ALA B 44 10.87 8.68 16.81
CA ALA B 44 11.62 8.15 17.95
C ALA B 44 12.61 7.07 17.49
N VAL B 45 12.77 6.88 16.19
CA VAL B 45 13.72 5.94 15.58
C VAL B 45 14.35 6.64 14.38
N PRO B 46 15.49 6.18 13.85
CA PRO B 46 16.09 6.91 12.72
C PRO B 46 15.23 6.97 11.45
N PHE B 47 14.51 5.89 11.12
CA PHE B 47 13.73 5.84 9.86
C PHE B 47 12.31 5.36 10.17
N PRO B 48 11.49 6.23 10.78
CA PRO B 48 10.13 5.82 11.14
C PRO B 48 9.29 5.56 9.91
N CYS B 49 8.28 4.73 10.06
CA CYS B 49 7.44 4.39 8.94
C CYS B 49 6.74 5.58 8.32
N GLY B 50 6.44 5.46 7.02
CA GLY B 50 5.58 6.35 6.27
C GLY B 50 6.02 7.78 6.08
N ARG B 51 7.30 8.03 6.29
CA ARG B 51 7.88 9.36 6.18
C ARG B 51 8.76 9.41 4.96
N VAL B 52 8.67 10.51 4.21
CA VAL B 52 9.55 10.77 3.08
C VAL B 52 10.67 11.63 3.65
N SER B 53 11.91 11.12 3.65
CA SER B 53 13.04 11.87 4.21
C SER B 53 14.01 12.35 3.15
N VAL B 54 13.99 11.79 1.92
CA VAL B 54 14.87 12.29 0.83
C VAL B 54 14.32 13.66 0.41
N SER B 55 15.22 14.58 0.04
CA SER B 55 14.84 15.90 -0.43
C SER B 55 14.00 15.77 -1.71
N GLN B 56 12.79 16.33 -1.69
CA GLN B 56 11.88 16.30 -2.85
C GLN B 56 11.95 17.63 -3.60
#